data_1URY
#
_entry.id   1URY
#
_cell.length_a   47.848
_cell.length_b   70.524
_cell.length_c   98.728
_cell.angle_alpha   90.00
_cell.angle_beta   90.00
_cell.angle_gamma   90.00
#
_symmetry.space_group_name_H-M   'P 21 21 21'
#
loop_
_entity.id
_entity.type
_entity.pdbx_description
1 polymer CYTOGLOBIN
2 non-polymer 'PROTOPORPHYRIN IX CONTAINING FE'
3 non-polymer XENON
4 non-polymer HEXACYANOFERRATE(3-)
5 water water
#
_entity_poly.entity_id   1
_entity_poly.type   'polypeptide(L)'
_entity_poly.pdbx_seq_one_letter_code
;MEKVPGEMEIERRERSEELSEAERKAVQAMWARLYANSEDVGVAILVRFFVNFPSAKQYFSQFKHMEDPLEMERSPQLRK
HASRVMGALNTVVENLHDPDKVSSVLALVGKAHALKHKVEPVYFKILSGVILEVVAEEFASDFPPETQRAWAKLRGLIYS
HVTAAYKEVGWVQQVPNATTPPATLPSSGP
;
_entity_poly.pdbx_strand_id   A,B
#
loop_
_chem_comp.id
_chem_comp.type
_chem_comp.name
_chem_comp.formula
FC6 non-polymer HEXACYANOFERRATE(3-) 'C6 Fe N6'
HEM non-polymer 'PROTOPORPHYRIN IX CONTAINING FE' 'C34 H32 Fe N4 O4'
XE non-polymer XENON Xe
#
# COMPACT_ATOMS: atom_id res chain seq x y z
N GLU A 18 -3.35 -1.27 25.81
CA GLU A 18 -3.45 -0.67 24.43
C GLU A 18 -4.79 -1.07 23.79
N LEU A 19 -4.92 -2.33 23.39
CA LEU A 19 -6.18 -2.86 22.84
C LEU A 19 -7.12 -3.21 24.00
N SER A 20 -8.30 -2.60 24.00
CA SER A 20 -9.29 -2.83 25.05
C SER A 20 -9.94 -4.22 24.97
N GLU A 21 -10.99 -4.43 25.74
CA GLU A 21 -11.67 -5.73 25.81
C GLU A 21 -12.48 -5.93 24.53
N ALA A 22 -13.35 -4.95 24.29
CA ALA A 22 -14.29 -4.98 23.19
C ALA A 22 -13.55 -4.96 21.86
N GLU A 23 -12.49 -4.15 21.77
CA GLU A 23 -11.65 -4.04 20.57
C GLU A 23 -10.94 -5.35 20.24
N ARG A 24 -10.40 -5.99 21.27
CA ARG A 24 -9.87 -7.35 21.17
C ARG A 24 -10.91 -8.29 20.56
N LYS A 25 -12.14 -8.13 21.01
CA LYS A 25 -13.23 -9.03 20.72
C LYS A 25 -13.73 -8.80 19.30
N ALA A 26 -13.65 -7.55 18.84
CA ALA A 26 -14.09 -7.21 17.48
C ALA A 26 -13.11 -7.76 16.44
N VAL A 27 -11.82 -7.65 16.74
CA VAL A 27 -10.76 -8.19 15.90
C VAL A 27 -10.90 -9.71 15.81
N GLN A 28 -11.08 -10.37 16.97
CA GLN A 28 -11.14 -11.82 17.05
C GLN A 28 -12.37 -12.38 16.35
N ALA A 29 -13.51 -11.72 16.50
CA ALA A 29 -14.76 -12.14 15.85
C ALA A 29 -14.65 -12.09 14.31
N MET A 30 -14.09 -10.98 13.82
CA MET A 30 -13.84 -10.78 12.39
C MET A 30 -12.76 -11.71 11.87
N TRP A 31 -11.72 -11.93 12.65
CA TRP A 31 -10.63 -12.83 12.23
C TRP A 31 -11.17 -14.25 12.03
N ALA A 32 -12.08 -14.68 12.90
CA ALA A 32 -12.69 -16.01 12.76
C ALA A 32 -13.45 -16.11 11.44
N ARG A 33 -14.13 -15.04 11.05
CA ARG A 33 -14.87 -15.00 9.78
C ARG A 33 -13.87 -15.07 8.63
N LEU A 34 -12.76 -14.36 8.73
CA LEU A 34 -11.68 -14.43 7.75
C LEU A 34 -11.10 -15.82 7.58
N TYR A 35 -10.70 -16.40 8.71
CA TYR A 35 -9.92 -17.65 8.75
C TYR A 35 -10.71 -18.88 8.24
N ALA A 36 -12.03 -18.78 8.23
CA ALA A 36 -12.92 -19.77 7.61
C ALA A 36 -12.65 -19.97 6.11
N ASN A 37 -11.96 -19.00 5.51
CA ASN A 37 -11.30 -19.19 4.21
C ASN A 37 -9.96 -18.49 4.26
N SER A 38 -9.15 -18.89 5.23
CA SER A 38 -7.82 -18.37 5.40
C SER A 38 -6.99 -18.52 4.13
N GLU A 39 -7.21 -19.61 3.41
CA GLU A 39 -6.39 -19.93 2.25
C GLU A 39 -6.67 -19.01 1.04
N ASP A 40 -7.95 -18.78 0.73
CA ASP A 40 -8.34 -17.79 -0.30
C ASP A 40 -8.02 -16.34 0.08
N VAL A 41 -8.40 -15.92 1.28
CA VAL A 41 -8.08 -14.57 1.83
C VAL A 41 -6.59 -14.23 1.79
N GLY A 42 -5.78 -15.11 2.34
CA GLY A 42 -4.35 -14.93 2.47
C GLY A 42 -3.60 -14.81 1.18
N VAL A 43 -3.94 -15.64 0.20
CA VAL A 43 -3.30 -15.48 -1.10
C VAL A 43 -3.83 -14.24 -1.82
N ALA A 44 -5.10 -13.89 -1.63
CA ALA A 44 -5.69 -12.72 -2.31
C ALA A 44 -4.95 -11.47 -1.85
N ILE A 45 -4.73 -11.40 -0.54
CA ILE A 45 -3.89 -10.39 0.07
C ILE A 45 -2.48 -10.28 -0.52
N LEU A 46 -1.80 -11.42 -0.65
CA LEU A 46 -0.41 -11.42 -1.09
C LEU A 46 -0.32 -11.15 -2.58
N VAL A 47 -1.26 -11.68 -3.35
CA VAL A 47 -1.33 -11.37 -4.78
C VAL A 47 -1.48 -9.86 -4.91
N ARG A 48 -2.42 -9.27 -4.19
CA ARG A 48 -2.62 -7.84 -4.25
C ARG A 48 -1.37 -7.07 -3.87
N PHE A 49 -0.71 -7.52 -2.82
CA PHE A 49 0.53 -6.94 -2.32
C PHE A 49 1.60 -6.97 -3.38
N PHE A 50 1.79 -8.13 -3.99
CA PHE A 50 2.85 -8.30 -4.98
C PHE A 50 2.49 -7.65 -6.28
N VAL A 51 1.20 -7.52 -6.56
CA VAL A 51 0.84 -6.82 -7.80
C VAL A 51 1.14 -5.32 -7.67
N ASN A 52 0.79 -4.73 -6.52
CA ASN A 52 0.87 -3.28 -6.32
C ASN A 52 2.19 -2.82 -5.77
N PHE A 53 3.01 -3.75 -5.31
CA PHE A 53 4.35 -3.45 -4.89
C PHE A 53 5.25 -4.56 -5.42
N PRO A 54 5.51 -4.55 -6.73
CA PRO A 54 6.34 -5.59 -7.36
C PRO A 54 7.74 -5.69 -6.80
N SER A 55 8.32 -4.61 -6.28
CA SER A 55 9.60 -4.69 -5.56
C SER A 55 9.65 -5.75 -4.46
N ALA A 56 8.52 -5.96 -3.74
CA ALA A 56 8.46 -6.92 -2.62
C ALA A 56 8.70 -8.37 -3.06
N LYS A 57 8.46 -8.61 -4.33
CA LYS A 57 8.64 -9.93 -4.85
C LYS A 57 10.12 -10.34 -5.10
N GLN A 58 11.07 -9.41 -4.90
CA GLN A 58 12.51 -9.70 -5.11
C GLN A 58 13.04 -10.81 -4.18
N TYR A 59 12.35 -11.00 -3.04
CA TYR A 59 12.74 -11.91 -1.97
C TYR A 59 12.28 -13.35 -2.17
N PHE A 60 11.49 -13.60 -3.20
CA PHE A 60 10.89 -14.91 -3.43
C PHE A 60 11.40 -15.52 -4.73
N SER A 61 12.30 -16.49 -4.60
CA SER A 61 12.95 -17.16 -5.72
C SER A 61 12.01 -17.65 -6.79
N GLN A 62 10.87 -18.19 -6.38
CA GLN A 62 9.96 -18.88 -7.33
C GLN A 62 9.06 -17.97 -8.15
N PHE A 63 8.83 -16.74 -7.70
CA PHE A 63 7.99 -15.80 -8.44
C PHE A 63 8.53 -14.37 -8.52
N LYS A 64 9.85 -14.18 -8.33
CA LYS A 64 10.43 -12.83 -8.45
C LYS A 64 10.16 -12.18 -9.82
N HIS A 65 9.98 -13.00 -10.85
CA HIS A 65 9.77 -12.47 -12.19
C HIS A 65 8.35 -12.70 -12.70
N MET A 66 7.46 -13.13 -11.82
CA MET A 66 6.05 -13.30 -12.17
C MET A 66 5.38 -11.95 -12.21
N GLU A 67 4.56 -11.73 -13.23
CA GLU A 67 3.80 -10.49 -13.33
C GLU A 67 2.32 -10.74 -13.30
N ASP A 68 1.91 -11.80 -13.99
CA ASP A 68 0.55 -12.27 -14.09
C ASP A 68 -0.01 -12.62 -12.72
N PRO A 69 -1.01 -11.89 -12.25
CA PRO A 69 -1.73 -12.28 -11.01
C PRO A 69 -2.31 -13.68 -11.03
N LEU A 70 -2.70 -14.15 -12.22
CA LEU A 70 -3.41 -15.43 -12.35
C LEU A 70 -2.44 -16.58 -12.09
N GLU A 71 -1.17 -16.35 -12.46
CA GLU A 71 -0.06 -17.26 -12.19
C GLU A 71 0.45 -17.17 -10.74
N MET A 72 0.49 -15.96 -10.19
CA MET A 72 0.91 -15.71 -8.81
C MET A 72 0.03 -16.46 -7.83
N GLU A 73 -1.26 -16.46 -8.10
CA GLU A 73 -2.27 -17.13 -7.28
C GLU A 73 -2.12 -18.67 -7.28
N ARG A 74 -1.54 -19.19 -8.37
CA ARG A 74 -1.30 -20.63 -8.49
C ARG A 74 0.08 -21.04 -7.99
N SER A 75 0.92 -20.10 -7.55
CA SER A 75 2.31 -20.45 -7.16
C SER A 75 2.32 -21.05 -5.75
N PRO A 76 2.84 -22.27 -5.60
CA PRO A 76 3.03 -22.88 -4.27
C PRO A 76 3.88 -22.07 -3.28
N GLN A 77 4.98 -21.47 -3.70
CA GLN A 77 5.77 -20.68 -2.75
C GLN A 77 4.96 -19.45 -2.23
N LEU A 78 4.16 -18.86 -3.12
CA LEU A 78 3.32 -17.74 -2.72
C LEU A 78 2.32 -18.28 -1.72
N ARG A 79 1.68 -19.38 -2.08
CA ARG A 79 0.62 -19.93 -1.26
C ARG A 79 1.15 -20.38 0.07
N LYS A 80 2.40 -20.81 0.09
CA LYS A 80 3.01 -21.28 1.32
C LYS A 80 3.22 -20.06 2.22
N HIS A 81 3.73 -18.98 1.64
CA HIS A 81 3.99 -17.80 2.45
C HIS A 81 2.68 -17.30 3.02
N ALA A 82 1.59 -17.37 2.23
CA ALA A 82 0.29 -16.86 2.69
C ALA A 82 -0.23 -17.65 3.88
N SER A 83 -0.10 -18.97 3.79
CA SER A 83 -0.52 -19.88 4.85
C SER A 83 0.31 -19.63 6.13
N ARG A 84 1.61 -19.41 5.95
CA ARG A 84 2.52 -19.13 7.06
C ARG A 84 2.27 -17.77 7.72
N VAL A 85 1.95 -16.74 6.93
CA VAL A 85 1.66 -15.42 7.48
C VAL A 85 0.38 -15.46 8.25
N MET A 86 -0.64 -16.09 7.66
CA MET A 86 -1.93 -16.31 8.29
C MET A 86 -1.85 -17.14 9.58
N GLY A 87 -0.96 -18.14 9.61
CA GLY A 87 -0.72 -18.91 10.82
C GLY A 87 -0.10 -18.06 11.95
N ALA A 88 0.91 -17.24 11.62
CA ALA A 88 1.57 -16.39 12.63
C ALA A 88 0.60 -15.38 13.24
N LEU A 89 -0.08 -14.65 12.39
CA LEU A 89 -1.10 -13.70 12.79
C LEU A 89 -2.28 -14.38 13.50
N ASN A 90 -2.60 -15.62 13.16
CA ASN A 90 -3.59 -16.35 13.92
C ASN A 90 -3.16 -16.51 15.38
N THR A 91 -1.91 -16.92 15.57
CA THR A 91 -1.29 -16.98 16.87
C THR A 91 -1.39 -15.63 17.56
N VAL A 92 -1.08 -14.53 16.87
CA VAL A 92 -1.16 -13.21 17.51
C VAL A 92 -2.60 -12.86 17.90
N VAL A 93 -3.53 -12.99 16.97
CA VAL A 93 -4.90 -12.55 17.18
C VAL A 93 -5.59 -13.33 18.30
N GLU A 94 -5.43 -14.66 18.26
CA GLU A 94 -6.06 -15.54 19.25
C GLU A 94 -5.48 -15.36 20.66
N ASN A 95 -4.21 -14.93 20.74
CA ASN A 95 -3.56 -14.71 22.03
C ASN A 95 -3.32 -13.24 22.35
N LEU A 96 -4.21 -12.36 21.92
CA LEU A 96 -4.03 -10.94 22.24
C LEU A 96 -4.16 -10.64 23.74
N HIS A 97 -4.71 -11.58 24.50
CA HIS A 97 -4.93 -11.38 25.93
C HIS A 97 -3.65 -11.66 26.71
N ASP A 98 -2.69 -12.32 26.08
CA ASP A 98 -1.43 -12.76 26.69
C ASP A 98 -0.29 -12.01 25.98
N PRO A 99 0.06 -10.82 26.46
CA PRO A 99 1.06 -9.99 25.78
C PRO A 99 2.41 -10.62 25.50
N ASP A 100 2.81 -11.62 26.26
CA ASP A 100 4.14 -12.20 26.05
C ASP A 100 4.18 -13.33 25.01
N LYS A 101 3.03 -13.94 24.72
CA LYS A 101 2.98 -14.85 23.58
C LYS A 101 2.97 -14.01 22.32
N VAL A 102 2.38 -12.82 22.34
CA VAL A 102 2.47 -11.99 21.14
C VAL A 102 3.90 -11.49 20.91
N SER A 103 4.58 -11.08 21.97
CA SER A 103 5.95 -10.54 21.85
C SER A 103 6.88 -11.57 21.26
N SER A 104 6.75 -12.80 21.74
CA SER A 104 7.64 -13.83 21.31
C SER A 104 7.36 -14.25 19.86
N VAL A 105 6.09 -14.33 19.46
CA VAL A 105 5.75 -14.68 18.08
C VAL A 105 6.28 -13.60 17.12
N LEU A 106 6.11 -12.34 17.51
CA LEU A 106 6.46 -11.24 16.64
C LEU A 106 7.98 -11.02 16.60
N ALA A 107 8.68 -11.53 17.60
CA ALA A 107 10.13 -11.36 17.70
C ALA A 107 10.82 -12.44 16.86
N LEU A 108 10.25 -13.66 16.91
CA LEU A 108 10.69 -14.74 16.03
C LEU A 108 10.53 -14.35 14.55
N VAL A 109 9.44 -13.66 14.25
CA VAL A 109 9.09 -13.27 12.88
C VAL A 109 10.03 -12.16 12.42
N GLY A 110 10.11 -11.08 13.19
CA GLY A 110 11.04 -10.01 12.93
C GLY A 110 12.48 -10.51 12.72
N LYS A 111 13.03 -11.19 13.71
CA LYS A 111 14.40 -11.64 13.60
C LYS A 111 14.57 -12.48 12.35
N ALA A 112 13.63 -13.40 12.11
CA ALA A 112 13.76 -14.28 10.96
C ALA A 112 13.83 -13.45 9.66
N HIS A 113 12.98 -12.44 9.56
CA HIS A 113 12.86 -11.61 8.37
C HIS A 113 14.11 -10.72 8.20
N ALA A 114 14.66 -10.26 9.30
CA ALA A 114 15.86 -9.43 9.28
C ALA A 114 17.08 -10.27 8.82
N LEU A 115 17.28 -11.41 9.46
CA LEU A 115 18.48 -12.21 9.32
C LEU A 115 18.41 -13.31 8.28
N LYS A 116 17.39 -14.17 8.34
CA LYS A 116 17.26 -15.24 7.34
C LYS A 116 16.95 -14.62 5.97
N HIS A 117 16.03 -13.66 5.93
CA HIS A 117 15.49 -13.19 4.65
C HIS A 117 15.94 -11.79 4.21
N LYS A 118 16.49 -11.01 5.13
CA LYS A 118 17.01 -9.66 4.83
C LYS A 118 16.00 -8.76 4.13
N VAL A 119 14.79 -8.72 4.69
CA VAL A 119 13.65 -8.00 4.12
C VAL A 119 13.60 -6.63 4.75
N GLU A 120 13.48 -5.60 3.93
CA GLU A 120 13.40 -4.24 4.50
C GLU A 120 12.13 -4.13 5.34
N PRO A 121 12.26 -3.54 6.52
CA PRO A 121 11.17 -3.53 7.50
C PRO A 121 9.91 -2.86 6.98
N VAL A 122 10.11 -1.92 6.06
CA VAL A 122 9.01 -1.10 5.58
C VAL A 122 7.99 -1.94 4.82
N TYR A 123 8.42 -3.02 4.16
CA TYR A 123 7.48 -3.91 3.49
C TYR A 123 6.42 -4.50 4.45
N PHE A 124 6.74 -4.59 5.75
CA PHE A 124 5.77 -4.92 6.82
C PHE A 124 4.67 -3.87 6.94
N LYS A 125 5.06 -2.62 6.97
CA LYS A 125 4.12 -1.51 6.88
C LYS A 125 3.20 -1.63 5.67
N ILE A 126 3.79 -1.90 4.52
CA ILE A 126 3.07 -1.91 3.25
C ILE A 126 2.13 -3.09 3.25
N LEU A 127 2.61 -4.25 3.74
CA LEU A 127 1.80 -5.46 3.69
C LEU A 127 0.60 -5.26 4.58
N SER A 128 0.84 -4.70 5.74
CA SER A 128 -0.19 -4.43 6.75
C SER A 128 -1.29 -3.53 6.18
N GLY A 129 -0.89 -2.51 5.40
CA GLY A 129 -1.82 -1.62 4.73
C GLY A 129 -2.70 -2.34 3.73
N VAL A 130 -2.14 -3.29 2.98
CA VAL A 130 -2.90 -4.15 2.08
C VAL A 130 -3.88 -5.03 2.90
N ILE A 131 -3.41 -5.59 4.01
CA ILE A 131 -4.24 -6.42 4.87
C ILE A 131 -5.45 -5.62 5.26
N LEU A 132 -5.23 -4.42 5.73
CA LEU A 132 -6.30 -3.54 6.18
C LEU A 132 -7.32 -3.15 5.07
N GLU A 133 -6.80 -2.95 3.85
N GLU A 133 -6.85 -2.95 3.84
CA GLU A 133 -7.61 -2.67 2.67
CA GLU A 133 -7.77 -2.64 2.76
C GLU A 133 -8.58 -3.83 2.45
C GLU A 133 -8.63 -3.84 2.45
N VAL A 134 -8.04 -5.04 2.49
CA VAL A 134 -8.80 -6.26 2.19
C VAL A 134 -9.79 -6.59 3.30
N VAL A 135 -9.40 -6.46 4.56
CA VAL A 135 -10.35 -6.65 5.65
C VAL A 135 -11.50 -5.62 5.60
N ALA A 136 -11.18 -4.38 5.23
CA ALA A 136 -12.22 -3.36 5.10
C ALA A 136 -13.20 -3.70 3.97
N GLU A 137 -12.68 -4.18 2.85
CA GLU A 137 -13.52 -4.61 1.72
C GLU A 137 -14.41 -5.75 2.13
N GLU A 138 -13.82 -6.76 2.76
CA GLU A 138 -14.52 -7.98 3.17
C GLU A 138 -15.58 -7.79 4.26
N PHE A 139 -15.35 -6.89 5.20
CA PHE A 139 -16.34 -6.62 6.24
C PHE A 139 -16.87 -5.21 6.17
N ALA A 140 -17.05 -4.69 4.96
CA ALA A 140 -17.53 -3.33 4.73
C ALA A 140 -18.84 -2.99 5.42
N SER A 141 -19.68 -4.01 5.62
CA SER A 141 -21.00 -3.86 6.28
C SER A 141 -20.93 -4.14 7.77
N ASP A 142 -19.72 -4.23 8.29
CA ASP A 142 -19.49 -4.47 9.71
C ASP A 142 -18.20 -3.81 10.14
N PHE A 143 -17.96 -2.59 9.66
CA PHE A 143 -16.71 -1.89 9.95
C PHE A 143 -16.87 -0.52 10.63
N PRO A 144 -17.57 -0.45 11.77
CA PRO A 144 -17.81 0.84 12.44
C PRO A 144 -16.50 1.45 13.03
N PRO A 145 -16.48 2.73 13.36
CA PRO A 145 -15.26 3.37 13.87
C PRO A 145 -14.52 2.54 14.94
N GLU A 146 -15.24 2.00 15.94
CA GLU A 146 -14.60 1.22 17.00
C GLU A 146 -13.78 0.07 16.41
N THR A 147 -14.35 -0.57 15.41
CA THR A 147 -13.69 -1.70 14.79
C THR A 147 -12.48 -1.30 13.94
N GLN A 148 -12.61 -0.20 13.19
CA GLN A 148 -11.48 0.46 12.52
C GLN A 148 -10.33 0.77 13.52
N ARG A 149 -10.67 1.25 14.71
CA ARG A 149 -9.65 1.63 15.71
C ARG A 149 -8.89 0.39 16.20
N ALA A 150 -9.63 -0.66 16.49
CA ALA A 150 -9.10 -1.95 16.95
C ALA A 150 -8.07 -2.55 16.02
N TRP A 151 -8.43 -2.58 14.75
CA TRP A 151 -7.54 -3.04 13.69
C TRP A 151 -6.34 -2.12 13.54
N ALA A 152 -6.54 -0.81 13.64
CA ALA A 152 -5.44 0.14 13.51
C ALA A 152 -4.38 -0.08 14.63
N LYS A 153 -4.84 -0.31 15.86
CA LYS A 153 -3.96 -0.58 16.99
C LYS A 153 -3.24 -1.90 16.82
N LEU A 154 -3.94 -2.89 16.25
CA LEU A 154 -3.33 -4.19 16.02
C LEU A 154 -2.18 -4.04 15.01
N ARG A 155 -2.47 -3.34 13.93
CA ARG A 155 -1.52 -3.06 12.88
C ARG A 155 -0.29 -2.33 13.46
N GLY A 156 -0.53 -1.31 14.28
CA GLY A 156 0.52 -0.52 14.90
C GLY A 156 1.40 -1.32 15.88
N LEU A 157 0.77 -2.22 16.62
CA LEU A 157 1.45 -3.11 17.53
C LEU A 157 2.34 -4.11 16.80
N ILE A 158 1.85 -4.67 15.70
CA ILE A 158 2.65 -5.55 14.84
C ILE A 158 3.93 -4.86 14.39
N TYR A 159 3.81 -3.60 13.96
CA TYR A 159 4.94 -2.86 13.42
C TYR A 159 5.95 -2.48 14.49
N SER A 160 5.51 -2.10 15.69
CA SER A 160 6.45 -1.89 16.80
C SER A 160 7.32 -3.10 17.13
N HIS A 161 6.67 -4.22 17.42
CA HIS A 161 7.41 -5.39 17.85
C HIS A 161 8.33 -5.90 16.75
N VAL A 162 7.92 -5.77 15.49
CA VAL A 162 8.73 -6.21 14.37
C VAL A 162 9.89 -5.23 14.13
N THR A 163 9.60 -3.95 14.28
CA THR A 163 10.65 -2.94 14.27
C THR A 163 11.64 -3.17 15.42
N ALA A 164 11.13 -3.36 16.64
CA ALA A 164 11.99 -3.51 17.81
C ALA A 164 12.96 -4.68 17.59
N ALA A 165 12.44 -5.76 16.98
CA ALA A 165 13.22 -6.95 16.67
C ALA A 165 14.32 -6.70 15.62
N TYR A 166 14.01 -5.90 14.61
CA TYR A 166 15.02 -5.51 13.66
C TYR A 166 16.19 -4.75 14.37
N LYS A 167 15.88 -3.82 15.29
CA LYS A 167 16.91 -3.09 16.06
C LYS A 167 17.75 -4.03 16.93
N GLU A 168 17.08 -4.91 17.67
CA GLU A 168 17.70 -5.89 18.57
C GLU A 168 18.74 -6.80 17.88
N VAL A 169 18.61 -6.95 16.56
CA VAL A 169 19.47 -7.84 15.79
C VAL A 169 20.57 -7.13 14.99
N GLY A 170 20.51 -5.80 14.93
CA GLY A 170 21.53 -5.01 14.28
C GLY A 170 21.16 -4.40 12.92
N TRP A 171 19.89 -4.43 12.53
CA TRP A 171 19.42 -3.58 11.43
C TRP A 171 19.38 -2.12 11.87
N GLU B 18 10.37 5.27 -22.06
CA GLU B 18 10.38 3.81 -21.76
C GLU B 18 9.10 3.16 -22.28
N LEU B 19 8.01 3.92 -22.35
CA LEU B 19 6.72 3.40 -22.86
C LEU B 19 6.61 3.45 -24.40
N SER B 20 6.23 2.33 -25.02
CA SER B 20 5.98 2.28 -26.47
C SER B 20 4.72 3.08 -26.84
N GLU B 21 4.52 3.40 -28.11
CA GLU B 21 3.32 4.14 -28.52
C GLU B 21 2.00 3.44 -28.10
N ALA B 22 1.94 2.11 -28.23
CA ALA B 22 0.75 1.36 -27.84
C ALA B 22 0.50 1.41 -26.33
N GLU B 23 1.57 1.43 -25.55
CA GLU B 23 1.45 1.49 -24.11
C GLU B 23 1.05 2.90 -23.69
N ARG B 24 1.60 3.89 -24.39
CA ARG B 24 1.27 5.30 -24.20
C ARG B 24 -0.22 5.54 -24.36
N LYS B 25 -0.77 5.01 -25.45
CA LYS B 25 -2.17 5.24 -25.81
C LYS B 25 -3.13 4.52 -24.89
N ALA B 26 -2.76 3.30 -24.50
CA ALA B 26 -3.54 2.51 -23.53
C ALA B 26 -3.72 3.30 -22.22
N VAL B 27 -2.62 3.81 -21.72
CA VAL B 27 -2.60 4.63 -20.52
C VAL B 27 -3.39 5.91 -20.72
N GLN B 28 -3.18 6.60 -21.83
CA GLN B 28 -3.82 7.91 -22.04
C GLN B 28 -5.35 7.76 -22.14
N ALA B 29 -5.77 6.62 -22.67
CA ALA B 29 -7.19 6.35 -22.87
C ALA B 29 -7.85 6.13 -21.52
N MET B 30 -7.12 5.45 -20.64
CA MET B 30 -7.63 5.08 -19.33
C MET B 30 -7.64 6.26 -18.41
N TRP B 31 -6.49 6.91 -18.34
CA TRP B 31 -6.33 8.18 -17.64
C TRP B 31 -7.45 9.18 -18.01
N ALA B 32 -7.79 9.25 -19.29
CA ALA B 32 -8.80 10.18 -19.77
C ALA B 32 -10.19 9.86 -19.22
N ARG B 33 -10.54 8.59 -19.17
CA ARG B 33 -11.79 8.18 -18.51
C ARG B 33 -11.76 8.55 -17.01
N LEU B 34 -10.62 8.34 -16.37
CA LEU B 34 -10.38 8.75 -14.99
C LEU B 34 -10.45 10.27 -14.72
N TYR B 35 -9.83 11.06 -15.59
CA TYR B 35 -9.71 12.49 -15.39
C TYR B 35 -11.09 13.17 -15.58
N ALA B 36 -11.99 12.52 -16.31
CA ALA B 36 -13.38 12.98 -16.44
C ALA B 36 -14.06 13.06 -15.09
N ASN B 37 -13.65 12.21 -14.17
CA ASN B 37 -14.15 12.24 -12.81
C ASN B 37 -13.03 12.57 -11.82
N SER B 38 -12.21 13.56 -12.21
CA SER B 38 -10.92 13.85 -11.62
C SER B 38 -10.99 14.09 -10.12
N GLU B 39 -11.96 14.90 -9.72
CA GLU B 39 -12.04 15.34 -8.35
C GLU B 39 -12.37 14.14 -7.45
N ASP B 40 -13.39 13.37 -7.82
CA ASP B 40 -13.82 12.19 -7.07
C ASP B 40 -12.74 11.10 -6.98
N VAL B 41 -12.12 10.79 -8.11
CA VAL B 41 -11.10 9.74 -8.20
C VAL B 41 -9.89 10.09 -7.32
N GLY B 42 -9.40 11.30 -7.45
CA GLY B 42 -8.26 11.73 -6.68
C GLY B 42 -8.52 11.70 -5.18
N VAL B 43 -9.73 12.11 -4.79
CA VAL B 43 -10.06 12.15 -3.37
C VAL B 43 -10.16 10.73 -2.80
N ALA B 44 -10.78 9.84 -3.58
CA ALA B 44 -10.96 8.45 -3.21
C ALA B 44 -9.63 7.77 -3.03
N ILE B 45 -8.63 8.18 -3.80
CA ILE B 45 -7.29 7.60 -3.74
C ILE B 45 -6.55 8.09 -2.52
N LEU B 46 -6.68 9.38 -2.21
CA LEU B 46 -6.04 9.99 -1.06
C LEU B 46 -6.66 9.48 0.25
N VAL B 47 -7.97 9.26 0.27
CA VAL B 47 -8.63 8.78 1.46
C VAL B 47 -8.14 7.37 1.70
N ARG B 48 -8.15 6.56 0.65
CA ARG B 48 -7.63 5.20 0.74
C ARG B 48 -6.17 5.18 1.24
N PHE B 49 -5.36 6.07 0.69
CA PHE B 49 -3.96 6.20 1.05
C PHE B 49 -3.78 6.54 2.51
N PHE B 50 -4.49 7.56 3.00
CA PHE B 50 -4.36 8.00 4.40
C PHE B 50 -5.00 7.07 5.41
N VAL B 51 -6.09 6.40 5.02
CA VAL B 51 -6.72 5.39 5.89
C VAL B 51 -5.78 4.21 6.10
N ASN B 52 -5.25 3.64 5.01
CA ASN B 52 -4.37 2.49 5.13
C ASN B 52 -2.92 2.79 5.46
N PHE B 53 -2.53 4.05 5.36
CA PHE B 53 -1.23 4.45 5.76
C PHE B 53 -1.35 5.71 6.57
N PRO B 54 -1.80 5.57 7.83
CA PRO B 54 -1.95 6.72 8.75
C PRO B 54 -0.69 7.52 8.97
N SER B 55 0.49 6.89 8.95
CA SER B 55 1.77 7.62 9.04
C SER B 55 1.93 8.74 8.01
N ALA B 56 1.39 8.54 6.81
CA ALA B 56 1.47 9.55 5.75
C ALA B 56 0.68 10.84 6.07
N LYS B 57 -0.23 10.81 7.03
CA LYS B 57 -0.96 12.03 7.42
C LYS B 57 -0.11 13.02 8.22
N GLN B 58 1.06 12.62 8.71
CA GLN B 58 1.88 13.49 9.59
C GLN B 58 2.23 14.84 8.93
N TYR B 59 2.26 14.87 7.60
CA TYR B 59 2.67 16.04 6.80
C TYR B 59 1.55 17.03 6.54
N PHE B 60 0.33 16.68 6.92
CA PHE B 60 -0.84 17.46 6.56
C PHE B 60 -1.56 18.05 7.79
N SER B 61 -1.18 19.26 8.19
CA SER B 61 -1.66 19.85 9.46
C SER B 61 -3.19 19.79 9.71
N GLN B 62 -4.01 20.01 8.68
CA GLN B 62 -5.49 20.20 8.87
C GLN B 62 -6.32 18.88 8.94
N PHE B 63 -5.78 17.78 8.45
CA PHE B 63 -6.23 16.44 8.82
C PHE B 63 -4.96 15.90 9.42
N LYS B 64 -4.83 14.63 9.75
CA LYS B 64 -3.63 14.17 10.49
C LYS B 64 -4.02 13.43 11.74
N HIS B 65 -4.98 14.11 12.50
N HIS B 65 -5.03 14.14 12.40
CA HIS B 65 -5.62 13.40 13.61
CA HIS B 65 -5.71 13.69 13.61
C HIS B 65 -7.10 13.19 13.26
C HIS B 65 -6.98 12.95 13.23
N MET B 66 -7.35 13.03 11.95
CA MET B 66 -8.66 12.66 11.43
C MET B 66 -8.66 11.18 11.10
N GLU B 67 -9.62 10.43 11.64
CA GLU B 67 -9.69 8.98 11.44
C GLU B 67 -10.86 8.58 10.54
N ASP B 68 -11.96 9.33 10.61
CA ASP B 68 -13.17 8.96 9.88
C ASP B 68 -12.98 9.20 8.38
N PRO B 69 -13.09 8.17 7.53
CA PRO B 69 -12.95 8.33 6.07
C PRO B 69 -13.90 9.36 5.43
N LEU B 70 -15.14 9.43 5.93
CA LEU B 70 -16.12 10.42 5.42
C LEU B 70 -15.76 11.86 5.77
N GLU B 71 -15.11 12.08 6.89
CA GLU B 71 -14.58 13.40 7.22
C GLU B 71 -13.37 13.73 6.37
N MET B 72 -12.51 12.74 6.13
CA MET B 72 -11.34 12.91 5.29
C MET B 72 -11.74 13.38 3.91
N GLU B 73 -12.83 12.83 3.40
CA GLU B 73 -13.27 13.16 2.04
C GLU B 73 -13.87 14.57 1.91
N ARG B 74 -14.34 15.16 3.01
CA ARG B 74 -14.80 16.54 3.02
C ARG B 74 -13.68 17.56 3.33
N SER B 75 -12.47 17.10 3.64
CA SER B 75 -11.40 17.99 4.10
C SER B 75 -10.70 18.80 2.98
N PRO B 76 -10.87 20.12 2.97
CA PRO B 76 -10.34 20.98 1.89
C PRO B 76 -8.85 20.81 1.60
N GLN B 77 -8.02 20.63 2.63
CA GLN B 77 -6.59 20.39 2.42
C GLN B 77 -6.36 19.05 1.71
N LEU B 78 -7.12 18.02 2.07
CA LEU B 78 -7.05 16.73 1.36
C LEU B 78 -7.50 16.90 -0.10
N ARG B 79 -8.64 17.55 -0.32
CA ARG B 79 -9.14 17.80 -1.68
C ARG B 79 -8.19 18.65 -2.55
N LYS B 80 -7.50 19.62 -1.93
CA LYS B 80 -6.47 20.41 -2.61
C LYS B 80 -5.38 19.49 -3.14
N HIS B 81 -4.77 18.73 -2.25
CA HIS B 81 -3.72 17.83 -2.66
C HIS B 81 -4.15 16.83 -3.73
N ALA B 82 -5.39 16.33 -3.64
CA ALA B 82 -5.92 15.44 -4.67
C ALA B 82 -5.93 16.14 -6.02
N SER B 83 -6.47 17.33 -6.07
CA SER B 83 -6.53 18.07 -7.32
C SER B 83 -5.14 18.31 -7.89
N ARG B 84 -4.21 18.63 -7.00
CA ARG B 84 -2.87 18.99 -7.41
C ARG B 84 -2.01 17.79 -7.79
N VAL B 85 -2.32 16.61 -7.28
CA VAL B 85 -1.60 15.41 -7.70
C VAL B 85 -2.18 14.99 -9.04
N MET B 86 -3.49 15.08 -9.17
CA MET B 86 -4.17 14.67 -10.41
C MET B 86 -3.75 15.58 -11.56
N GLY B 87 -3.53 16.86 -11.27
CA GLY B 87 -3.02 17.83 -12.23
C GLY B 87 -1.60 17.50 -12.69
N ALA B 88 -0.64 17.48 -11.77
CA ALA B 88 0.74 17.08 -12.07
C ALA B 88 0.78 15.82 -12.92
N LEU B 89 0.03 14.82 -12.50
CA LEU B 89 0.11 13.55 -13.18
C LEU B 89 -0.71 13.60 -14.49
N ASN B 90 -1.64 14.53 -14.59
CA ASN B 90 -2.29 14.76 -15.86
C ASN B 90 -1.29 15.33 -16.85
N THR B 91 -0.35 16.16 -16.39
CA THR B 91 0.59 16.72 -17.35
C THR B 91 1.67 15.70 -17.73
N VAL B 92 1.96 14.76 -16.82
CA VAL B 92 2.82 13.61 -17.15
C VAL B 92 2.18 12.74 -18.26
N VAL B 93 0.93 12.32 -18.07
CA VAL B 93 0.28 11.37 -18.98
C VAL B 93 0.15 11.96 -20.39
N GLU B 94 -0.18 13.23 -20.45
CA GLU B 94 -0.32 13.98 -21.68
C GLU B 94 1.02 14.16 -22.44
N ASN B 95 2.13 14.12 -21.73
CA ASN B 95 3.44 14.37 -22.30
C ASN B 95 4.36 13.15 -22.35
N LEU B 96 3.79 11.97 -22.39
CA LEU B 96 4.58 10.74 -22.31
C LEU B 96 5.51 10.56 -23.50
N HIS B 97 5.13 11.14 -24.64
CA HIS B 97 5.96 11.15 -25.86
C HIS B 97 7.18 12.10 -25.77
N ASP B 98 7.27 12.86 -24.67
CA ASP B 98 8.26 13.91 -24.54
C ASP B 98 9.10 13.63 -23.30
N PRO B 99 10.15 12.82 -23.44
CA PRO B 99 10.99 12.47 -22.28
C PRO B 99 11.55 13.70 -21.55
N ASP B 100 11.90 14.74 -22.28
CA ASP B 100 12.40 15.95 -21.64
C ASP B 100 11.40 16.43 -20.59
N LYS B 101 10.13 16.49 -20.97
CA LYS B 101 9.10 17.12 -20.14
C LYS B 101 8.76 16.23 -18.92
N VAL B 102 8.39 14.98 -19.16
CA VAL B 102 8.12 14.03 -18.08
C VAL B 102 9.22 14.06 -16.99
N SER B 103 10.45 14.08 -17.45
CA SER B 103 11.64 14.11 -16.59
C SER B 103 11.67 15.34 -15.69
N SER B 104 11.32 16.48 -16.26
CA SER B 104 11.38 17.75 -15.55
C SER B 104 10.18 17.93 -14.60
N VAL B 105 9.01 17.49 -15.02
CA VAL B 105 7.82 17.62 -14.19
C VAL B 105 7.98 16.84 -12.87
N LEU B 106 8.56 15.66 -12.96
CA LEU B 106 8.66 14.75 -11.82
C LEU B 106 9.85 15.13 -10.96
N ALA B 107 10.85 15.73 -11.59
CA ALA B 107 12.03 16.16 -10.85
C ALA B 107 11.63 17.37 -10.02
N LEU B 108 10.92 18.30 -10.63
CA LEU B 108 10.46 19.46 -9.87
C LEU B 108 9.61 19.00 -8.70
N VAL B 109 8.68 18.09 -8.95
CA VAL B 109 7.85 17.49 -7.88
C VAL B 109 8.70 16.86 -6.78
N GLY B 110 9.73 16.12 -7.17
CA GLY B 110 10.52 15.39 -6.21
C GLY B 110 11.38 16.30 -5.37
N LYS B 111 11.98 17.31 -6.01
CA LYS B 111 12.80 18.33 -5.34
C LYS B 111 12.00 19.05 -4.28
N ALA B 112 10.79 19.48 -4.64
CA ALA B 112 9.93 20.23 -3.71
C ALA B 112 9.46 19.39 -2.52
N HIS B 113 9.12 18.12 -2.78
CA HIS B 113 8.65 17.23 -1.74
C HIS B 113 9.80 16.85 -0.80
N ALA B 114 11.01 16.67 -1.35
CA ALA B 114 12.19 16.45 -0.49
C ALA B 114 12.54 17.69 0.34
N LEU B 115 12.67 18.84 -0.33
CA LEU B 115 13.20 20.04 0.30
C LEU B 115 12.17 20.87 1.07
N LYS B 116 10.98 21.09 0.48
CA LYS B 116 9.92 21.91 1.11
C LYS B 116 8.97 21.10 2.01
N HIS B 117 8.48 19.97 1.53
CA HIS B 117 7.49 19.19 2.27
C HIS B 117 8.17 18.11 3.17
N LYS B 118 9.43 17.79 2.88
CA LYS B 118 10.25 16.93 3.73
C LYS B 118 9.65 15.53 3.89
N VAL B 119 9.10 15.01 2.80
CA VAL B 119 8.36 13.76 2.76
C VAL B 119 9.32 12.61 2.45
N GLU B 120 9.26 11.56 3.29
CA GLU B 120 10.09 10.36 3.10
C GLU B 120 9.72 9.78 1.75
N PRO B 121 10.72 9.52 0.91
CA PRO B 121 10.43 9.12 -0.47
C PRO B 121 9.64 7.84 -0.59
N VAL B 122 9.75 6.91 0.36
CA VAL B 122 9.00 5.64 0.22
C VAL B 122 7.49 5.92 0.06
N TYR B 123 7.00 7.04 0.58
CA TYR B 123 5.58 7.38 0.47
C TYR B 123 5.07 7.54 -0.93
N PHE B 124 5.93 7.94 -1.85
CA PHE B 124 5.59 7.99 -3.29
C PHE B 124 5.31 6.61 -3.81
N LYS B 125 6.17 5.67 -3.46
CA LYS B 125 5.96 4.25 -3.81
C LYS B 125 4.63 3.72 -3.30
N ILE B 126 4.28 4.03 -2.04
CA ILE B 126 3.06 3.53 -1.42
C ILE B 126 1.88 4.17 -2.12
N LEU B 127 1.95 5.49 -2.36
CA LEU B 127 0.80 6.19 -2.96
C LEU B 127 0.57 5.66 -4.37
N SER B 128 1.66 5.34 -5.05
CA SER B 128 1.62 4.82 -6.40
C SER B 128 0.93 3.51 -6.46
N GLY B 129 1.11 2.69 -5.43
CA GLY B 129 0.43 1.41 -5.34
C GLY B 129 -1.05 1.57 -5.06
N VAL B 130 -1.40 2.62 -4.31
CA VAL B 130 -2.82 2.90 -4.02
C VAL B 130 -3.47 3.36 -5.30
N ILE B 131 -2.74 4.14 -6.10
CA ILE B 131 -3.29 4.68 -7.33
C ILE B 131 -3.51 3.50 -8.28
N LEU B 132 -2.53 2.63 -8.35
CA LEU B 132 -2.58 1.43 -9.18
C LEU B 132 -3.70 0.52 -8.75
N GLU B 133 -3.93 0.40 -7.45
CA GLU B 133 -5.03 -0.41 -6.93
C GLU B 133 -6.37 0.19 -7.26
N VAL B 134 -6.54 1.50 -7.06
CA VAL B 134 -7.81 2.15 -7.34
C VAL B 134 -8.11 2.10 -8.83
N VAL B 135 -7.08 2.25 -9.64
CA VAL B 135 -7.23 2.19 -11.08
C VAL B 135 -7.70 0.80 -11.51
N ALA B 136 -7.10 -0.24 -10.95
CA ALA B 136 -7.51 -1.61 -11.26
C ALA B 136 -8.96 -1.86 -10.90
N GLU B 137 -9.45 -1.30 -9.80
CA GLU B 137 -10.84 -1.49 -9.41
C GLU B 137 -11.81 -0.73 -10.34
N GLU B 138 -11.39 0.43 -10.87
CA GLU B 138 -12.19 1.25 -11.81
C GLU B 138 -12.41 0.60 -13.17
N PHE B 139 -11.46 -0.17 -13.65
CA PHE B 139 -11.56 -0.82 -14.95
C PHE B 139 -11.40 -2.34 -14.83
N ALA B 140 -11.97 -2.93 -13.79
CA ALA B 140 -11.93 -4.38 -13.61
C ALA B 140 -12.44 -5.17 -14.85
N SER B 141 -13.48 -4.64 -15.51
CA SER B 141 -14.05 -5.23 -16.75
C SER B 141 -13.04 -5.38 -17.91
N ASP B 142 -12.21 -4.36 -18.12
CA ASP B 142 -11.14 -4.39 -19.13
C ASP B 142 -9.82 -3.80 -18.60
N PHE B 143 -9.06 -4.64 -17.93
CA PHE B 143 -7.71 -4.34 -17.47
C PHE B 143 -6.85 -5.54 -17.92
N PRO B 144 -6.51 -5.60 -19.20
CA PRO B 144 -5.81 -6.76 -19.77
C PRO B 144 -4.31 -6.74 -19.47
N PRO B 145 -3.64 -7.89 -19.57
CA PRO B 145 -2.18 -7.96 -19.37
C PRO B 145 -1.35 -6.84 -20.01
N GLU B 146 -1.66 -6.42 -21.23
CA GLU B 146 -0.85 -5.42 -21.93
C GLU B 146 -1.04 -4.02 -21.30
N THR B 147 -2.25 -3.73 -20.85
CA THR B 147 -2.51 -2.48 -20.17
C THR B 147 -1.96 -2.44 -18.71
N GLN B 148 -1.96 -3.57 -18.01
CA GLN B 148 -1.39 -3.62 -16.67
C GLN B 148 0.11 -3.31 -16.71
N ARG B 149 0.80 -3.84 -17.70
CA ARG B 149 2.23 -3.58 -17.86
C ARG B 149 2.51 -2.12 -18.18
N ALA B 150 1.67 -1.53 -19.02
CA ALA B 150 1.79 -0.14 -19.41
C ALA B 150 1.71 0.75 -18.17
N TRP B 151 0.71 0.50 -17.32
CA TRP B 151 0.57 1.17 -16.04
C TRP B 151 1.73 0.91 -15.12
N ALA B 152 2.16 -0.34 -15.04
CA ALA B 152 3.29 -0.70 -14.14
C ALA B 152 4.60 -0.05 -14.60
N LYS B 153 4.72 0.22 -15.90
CA LYS B 153 5.91 0.85 -16.43
C LYS B 153 5.89 2.33 -16.06
N LEU B 154 4.70 2.93 -16.19
CA LEU B 154 4.53 4.35 -15.85
C LEU B 154 4.86 4.53 -14.36
N ARG B 155 4.22 3.75 -13.50
CA ARG B 155 4.54 3.76 -12.08
C ARG B 155 6.05 3.67 -11.83
N GLY B 156 6.69 2.71 -12.47
CA GLY B 156 8.14 2.54 -12.39
C GLY B 156 8.94 3.78 -12.78
N LEU B 157 8.47 4.46 -13.81
CA LEU B 157 9.11 5.67 -14.34
C LEU B 157 8.96 6.83 -13.36
N ILE B 158 7.78 7.00 -12.79
CA ILE B 158 7.53 8.03 -11.78
C ILE B 158 8.47 7.89 -10.59
N TYR B 159 8.47 6.73 -9.95
CA TYR B 159 9.32 6.50 -8.77
C TYR B 159 10.81 6.72 -8.95
N SER B 160 11.37 6.22 -10.05
CA SER B 160 12.81 6.35 -10.25
C SER B 160 13.16 7.79 -10.61
N HIS B 161 12.26 8.51 -11.24
CA HIS B 161 12.47 9.94 -11.46
C HIS B 161 12.42 10.73 -10.12
N VAL B 162 11.40 10.48 -9.28
CA VAL B 162 11.29 11.15 -7.98
C VAL B 162 12.50 10.79 -7.10
N THR B 163 12.83 9.51 -7.06
CA THR B 163 14.00 8.99 -6.34
C THR B 163 15.33 9.61 -6.76
N ALA B 164 15.56 9.73 -8.07
CA ALA B 164 16.78 10.38 -8.61
C ALA B 164 16.85 11.87 -8.21
N ALA B 165 15.69 12.52 -8.11
CA ALA B 165 15.58 13.89 -7.62
C ALA B 165 15.95 14.01 -6.13
N TYR B 166 15.43 13.10 -5.33
CA TYR B 166 15.78 13.03 -3.90
C TYR B 166 17.30 12.87 -3.73
N LYS B 167 17.91 11.97 -4.51
CA LYS B 167 19.34 11.72 -4.44
C LYS B 167 20.18 12.91 -4.98
N GLU B 168 19.62 13.67 -5.94
CA GLU B 168 20.32 14.83 -6.50
C GLU B 168 20.52 15.92 -5.44
N VAL B 169 19.49 16.17 -4.62
CA VAL B 169 19.55 17.23 -3.62
C VAL B 169 19.97 16.75 -2.23
N GLY B 170 20.55 15.55 -2.16
CA GLY B 170 21.26 15.10 -0.97
C GLY B 170 20.39 14.63 0.19
N TRP B 171 19.31 13.92 -0.12
CA TRP B 171 18.47 13.31 0.94
C TRP B 171 19.24 12.17 1.61
CHA HEM C . 9.00 -16.82 5.30
CHB HEM C . 5.86 -14.78 8.42
CHC HEM C . 5.94 -10.62 5.92
CHD HEM C . 9.37 -12.47 3.06
C1A HEM C . 8.12 -16.63 6.36
C2A HEM C . 7.73 -17.60 7.35
C3A HEM C . 6.89 -17.03 8.23
C4A HEM C . 6.69 -15.69 7.80
CMA HEM C . 6.23 -17.71 9.46
CAA HEM C . 8.26 -19.04 7.45
CBA HEM C . 9.36 -19.08 8.51
CGA HEM C . 10.57 -18.33 8.01
O1A HEM C . 11.18 -18.79 7.01
O2A HEM C . 10.93 -17.28 8.60
C1B HEM C . 5.60 -13.50 8.01
C2B HEM C . 4.71 -12.56 8.66
C3B HEM C . 4.73 -11.41 7.97
C4B HEM C . 5.64 -11.59 6.86
CMB HEM C . 3.89 -12.86 9.93
CAB HEM C . 3.97 -10.12 8.23
CBB HEM C . 2.82 -10.13 8.90
C1C HEM C . 6.88 -10.75 4.95
C2C HEM C . 7.29 -9.71 4.03
C3C HEM C . 8.22 -10.24 3.23
C4C HEM C . 8.44 -11.62 3.62
CMC HEM C . 6.74 -8.27 4.04
CAC HEM C . 8.99 -9.52 2.11
CBC HEM C . 8.42 -8.56 1.38
C1D HEM C . 9.61 -13.80 3.38
C2D HEM C . 10.53 -14.67 2.68
C3D HEM C . 10.39 -16.01 3.37
C4D HEM C . 9.41 -15.85 4.41
CMD HEM C . 11.46 -14.36 1.50
CAD HEM C . 11.14 -17.28 2.96
CBD HEM C . 10.14 -17.83 1.93
CGD HEM C . 10.53 -19.21 1.50
O1D HEM C . 9.96 -19.67 0.51
O2D HEM C . 11.41 -19.77 2.15
NA HEM C . 7.45 -15.47 6.65
NB HEM C . 6.15 -12.88 6.91
NC HEM C . 7.59 -11.91 4.66
ND HEM C . 8.98 -14.53 4.38
FE HEM C . 7.45 -13.72 5.66
XE XE D . -1.48 -12.70 4.16
XE XE E . -5.85 -11.00 7.11
XE XE F . -3.78 -9.45 11.59
N24 FC6 G . 2.47 0.08 10.00
C24 FC6 G . 2.37 1.20 10.37
FE2 FC6 G . 2.17 2.87 11.07
C21 FC6 G . 3.92 3.30 10.79
N25 FC6 G . 4.98 3.71 10.48
C22 FC6 G . 1.67 3.51 9.43
N22 FC6 G . 1.27 3.83 8.39
C26 FC6 G . 2.65 2.11 12.67
N21 FC6 G . 3.25 1.57 13.56
C23 FC6 G . 0.41 2.57 11.44
N23 FC6 G . -0.68 2.44 11.86
C11 FC6 G . 1.89 4.51 11.84
N11 FC6 G . 1.64 5.59 12.18
XE XE H . -2.81 -5.83 10.21
CHA HEM I . 1.73 19.59 -2.04
CHB HEM I . 2.07 16.95 -6.04
CHC HEM I . 2.74 12.96 -3.47
CHD HEM I . 2.90 15.67 0.49
C1A HEM I . 1.74 19.18 -3.33
C2A HEM I . 1.52 20.08 -4.45
C3A HEM I . 1.61 19.35 -5.56
C4A HEM I . 1.87 17.98 -5.17
CMA HEM I . 1.47 19.90 -7.00
CAA HEM I . 1.25 21.59 -4.34
CBA HEM I . 2.40 22.30 -3.63
CGA HEM I . 3.65 21.93 -4.36
O1A HEM I . 4.56 21.35 -3.72
O2A HEM I . 3.67 22.22 -5.58
C1B HEM I . 2.30 15.65 -5.70
C2B HEM I . 2.48 14.56 -6.66
C3B HEM I . 2.65 13.45 -5.94
C4B HEM I . 2.59 13.82 -4.54
CMB HEM I . 2.45 14.78 -8.18
CAB HEM I . 2.89 12.00 -6.39
CBB HEM I . 2.93 11.60 -7.67
C1C HEM I . 2.83 13.37 -2.16
C2C HEM I . 3.03 12.50 -1.02
C3C HEM I . 3.05 13.25 0.08
C4C HEM I . 2.89 14.62 -0.35
CMC HEM I . 3.17 10.98 -1.08
CAC HEM I . 3.19 12.80 1.54
CBC HEM I . 2.69 11.64 1.95
C1D HEM I . 2.58 16.97 0.18
C2D HEM I . 2.43 18.00 1.16
C3D HEM I . 2.05 19.24 0.38
C4D HEM I . 2.04 18.81 -1.00
CMD HEM I . 2.60 17.90 2.69
CAD HEM I . 1.75 20.61 0.97
CBD HEM I . 0.24 20.57 1.26
CGD HEM I . -0.27 21.82 1.94
O1D HEM I . -1.52 21.96 2.00
O2D HEM I . 0.53 22.65 2.46
NA HEM I . 1.94 17.91 -3.80
NB HEM I . 2.38 15.17 -4.42
NC HEM I . 2.75 14.66 -1.72
ND HEM I . 2.37 17.47 -1.09
FE HEM I . 2.41 16.27 -2.71
XE XE J . -4.35 11.34 -6.14
XE XE K . 0.97 5.27 -10.95
XE XE L . -0.60 8.35 -13.40
N24 FC6 M . 10.12 -2.61 -8.76
C24 FC6 M . 9.68 -1.66 -8.15
FE2 FC6 M . 8.92 -0.06 -7.68
C21 FC6 M . 10.23 0.24 -6.43
N25 FC6 M . 11.13 0.19 -5.68
C22 FC6 M . 9.98 0.89 -8.83
N22 FC6 M . 10.75 1.48 -9.51
C26 FC6 M . 7.83 -0.97 -6.52
N21 FC6 M . 7.13 -1.54 -5.77
C23 FC6 M . 7.75 -0.47 -9.03
N23 FC6 M . 7.19 -0.76 -10.03
C11 FC6 M . 8.03 1.47 -7.20
N11 FC6 M . 7.44 2.43 -6.86
#